data_7ZPY
#
_entry.id   7ZPY
#
_cell.length_a   38.850
_cell.length_b   122.210
_cell.length_c   123.600
_cell.angle_alpha   90.000
_cell.angle_beta   90.000
_cell.angle_gamma   90.000
#
_symmetry.space_group_name_H-M   'P 21 21 21'
#
loop_
_entity.id
_entity.type
_entity.pdbx_description
1 polymer 'Polymerase acidic protein'
2 polymer 'Peptide inhibitor (ASP-TYR-ASN-PRO-TYR-LEU-LEU-TYR-LEU-LYS)'
3 non-polymer METHOXY-ETHOXYL
4 water water
#
loop_
_entity_poly.entity_id
_entity_poly.type
_entity_poly.pdbx_seq_one_letter_code
_entity_poly.pdbx_strand_id
1 'polypeptide(L)'
;SIEPFLRTTPRPLRLPDGPLCHQRSKFLLMDALKLSIEDPSHEGEGIPLYDAIKCMKTFFGWKEPNIVKPHEKGINPNYL
MAWKQVLAELQDIENEEKIPRTKNMKRTSQLKWALGENMAPEKVDFDDCKDVGDLKQYDSDEPEPRSLASWVQNEFNKAC
ELTDSSWIELDEIGEDVAPIEHIASMRRNYFTAEVSHCRATEYIMKGVYINTALLNASCAAMDDFQLIPMISKCRTKEGR
RKTNLYGFIIKGRSHLRNDTDVVNFVSMEFSLTDPRLEPHKWEKYCVLEIGDMLLRTAIGQVSRPMFLYVRTNGTSKIKM
KWGMEMRRCLLQSLQQIESMIEAESSVKEKDMTKEFFENKSETWPIGESPRGVEEGSIGKVCRTLLAKSVFNSLYASPQL
EGFSAESRKLLLIVQALRDNLEPGTFDLGGLYEAIEECLINDPWVLLNASWFNSFLTHALK
;
A
2 'polypeptide(L)' DYNPYLLYLK B
#
loop_
_chem_comp.id
_chem_comp.type
_chem_comp.name
_chem_comp.formula
MOE non-polymer METHOXY-ETHOXYL 'C3 H7 O2 -1'
#
# COMPACT_ATOMS: atom_id res chain seq x y z
N SER A 1 -14.17 18.09 42.81
CA SER A 1 -14.21 16.91 41.89
C SER A 1 -15.08 15.81 42.52
N ILE A 2 -15.64 14.93 41.69
CA ILE A 2 -16.38 13.74 42.15
C ILE A 2 -15.36 12.77 42.78
N GLU A 3 -15.83 11.85 43.63
CA GLU A 3 -14.97 10.82 44.28
CA GLU A 3 -14.99 10.80 44.27
C GLU A 3 -14.23 10.07 43.17
N PRO A 4 -12.92 9.79 43.34
CA PRO A 4 -12.15 9.02 42.35
C PRO A 4 -12.80 7.71 41.85
N PHE A 5 -13.47 6.92 42.69
CA PHE A 5 -14.10 5.65 42.24
C PHE A 5 -15.22 5.91 41.21
N LEU A 6 -15.78 7.13 41.15
CA LEU A 6 -16.88 7.47 40.21
C LEU A 6 -16.34 7.96 38.86
N ARG A 7 -15.06 8.32 38.79
CA ARG A 7 -14.44 8.86 37.56
C ARG A 7 -14.36 7.76 36.52
N THR A 8 -14.68 8.07 35.25
CA THR A 8 -14.77 7.01 34.21
C THR A 8 -13.41 6.88 33.51
N THR A 9 -12.88 5.67 33.50
CA THR A 9 -11.63 5.27 32.79
C THR A 9 -12.02 4.66 31.46
N PRO A 10 -11.68 5.29 30.32
CA PRO A 10 -11.97 4.69 28.99
C PRO A 10 -11.41 3.26 28.88
N ARG A 11 -12.28 2.30 28.55
CA ARG A 11 -11.93 0.86 28.32
C ARG A 11 -11.32 0.66 26.93
N PRO A 12 -10.66 -0.48 26.66
CA PRO A 12 -10.15 -0.78 25.32
C PRO A 12 -11.30 -0.85 24.31
N LEU A 13 -11.01 -0.50 23.06
CA LEU A 13 -11.91 -0.85 21.92
C LEU A 13 -12.00 -2.38 21.84
N ARG A 14 -13.19 -2.90 21.56
CA ARG A 14 -13.42 -4.35 21.31
C ARG A 14 -13.32 -4.65 19.82
N LEU A 15 -12.36 -5.49 19.44
CA LEU A 15 -12.21 -5.99 18.05
C LEU A 15 -12.99 -7.29 17.92
N PRO A 16 -13.70 -7.53 16.78
CA PRO A 16 -14.50 -8.74 16.64
C PRO A 16 -13.60 -9.99 16.47
N ASP A 17 -14.12 -11.14 16.92
CA ASP A 17 -13.45 -12.44 16.72
CA ASP A 17 -13.48 -12.46 16.74
C ASP A 17 -13.92 -13.01 15.37
N GLY A 18 -13.13 -13.90 14.79
CA GLY A 18 -13.47 -14.49 13.47
C GLY A 18 -12.21 -15.00 12.77
N PRO A 19 -12.36 -15.59 11.57
CA PRO A 19 -11.20 -16.05 10.80
C PRO A 19 -10.20 -14.90 10.57
N LEU A 20 -8.90 -15.18 10.53
CA LEU A 20 -7.87 -14.14 10.24
C LEU A 20 -8.17 -13.41 8.93
N CYS A 21 -7.92 -12.09 8.87
CA CYS A 21 -8.24 -11.25 7.69
C CYS A 21 -7.28 -11.59 6.54
N HIS A 22 -7.70 -11.31 5.29
CA HIS A 22 -6.98 -11.60 4.02
C HIS A 22 -6.49 -10.31 3.34
N GLN A 23 -5.47 -10.43 2.47
CA GLN A 23 -4.94 -9.27 1.70
C GLN A 23 -6.05 -8.76 0.79
N ARG A 24 -6.23 -7.43 0.71
CA ARG A 24 -7.28 -6.82 -0.15
CA ARG A 24 -7.26 -6.86 -0.20
C ARG A 24 -6.71 -5.60 -0.89
N SER A 25 -5.40 -5.43 -0.92
CA SER A 25 -4.77 -4.33 -1.70
C SER A 25 -5.00 -4.59 -3.20
N LYS A 26 -4.87 -3.57 -4.05
CA LYS A 26 -5.12 -3.72 -5.51
C LYS A 26 -3.88 -4.32 -6.19
N PHE A 27 -2.76 -4.29 -5.49
CA PHE A 27 -1.46 -4.88 -5.92
C PHE A 27 -0.71 -5.33 -4.65
N LEU A 28 0.30 -6.17 -4.84
CA LEU A 28 1.16 -6.66 -3.75
C LEU A 28 1.93 -5.48 -3.17
N LEU A 29 2.26 -5.60 -1.88
CA LEU A 29 3.04 -4.57 -1.16
C LEU A 29 4.38 -5.19 -0.76
N MET A 30 4.59 -5.64 0.49
CA MET A 30 5.90 -6.21 0.90
C MET A 30 6.28 -7.43 0.03
N ASP A 31 5.31 -8.12 -0.58
CA ASP A 31 5.58 -9.42 -1.27
C ASP A 31 5.98 -9.21 -2.74
N ALA A 32 5.91 -7.98 -3.26
CA ALA A 32 6.21 -7.71 -4.69
C ALA A 32 7.64 -8.14 -5.00
N LEU A 33 7.90 -8.48 -6.25
CA LEU A 33 9.26 -8.71 -6.78
C LEU A 33 9.36 -7.97 -8.11
N LYS A 34 10.47 -7.25 -8.29
CA LYS A 34 10.77 -6.43 -9.48
C LYS A 34 11.76 -7.18 -10.36
N LEU A 35 11.48 -7.31 -11.65
CA LEU A 35 12.49 -7.58 -12.70
C LEU A 35 12.83 -6.23 -13.31
N SER A 36 14.10 -5.83 -13.31
CA SER A 36 14.49 -4.42 -13.61
C SER A 36 15.57 -4.33 -14.70
N ILE A 37 15.56 -3.22 -15.43
CA ILE A 37 16.58 -2.86 -16.47
C ILE A 37 17.11 -1.46 -16.12
N GLU A 38 18.35 -1.22 -16.47
CA GLU A 38 19.00 0.09 -16.29
C GLU A 38 18.71 0.95 -17.53
N ASP A 39 18.03 2.08 -17.35
CA ASP A 39 17.53 2.94 -18.45
C ASP A 39 18.72 3.55 -19.18
N PRO A 40 18.63 3.73 -20.52
CA PRO A 40 19.62 4.54 -21.24
C PRO A 40 19.63 5.97 -20.68
N SER A 41 20.76 6.67 -20.76
CA SER A 41 20.85 8.11 -20.38
C SER A 41 19.92 8.92 -21.30
N HIS A 42 19.19 9.89 -20.73
CA HIS A 42 18.25 10.81 -21.44
C HIS A 42 17.09 10.01 -22.03
N GLU A 43 16.70 8.89 -21.41
CA GLU A 43 15.71 7.93 -21.99
C GLU A 43 14.33 8.59 -22.06
N GLY A 44 13.78 8.93 -20.89
CA GLY A 44 12.36 9.33 -20.72
C GLY A 44 11.49 8.14 -20.33
N GLU A 45 10.25 8.10 -20.80
CA GLU A 45 9.35 6.91 -20.63
C GLU A 45 9.36 6.13 -21.95
N GLY A 46 9.68 4.83 -21.89
CA GLY A 46 9.66 3.93 -23.06
C GLY A 46 8.25 3.43 -23.32
N ILE A 47 8.10 2.55 -24.32
CA ILE A 47 6.83 1.83 -24.64
C ILE A 47 6.66 0.76 -23.56
N PRO A 48 5.58 0.76 -22.76
CA PRO A 48 5.47 -0.15 -21.63
C PRO A 48 5.72 -1.64 -21.95
N LEU A 49 5.15 -2.14 -23.03
CA LEU A 49 5.26 -3.58 -23.42
C LEU A 49 6.71 -3.92 -23.85
N TYR A 50 7.43 -2.95 -24.40
CA TYR A 50 8.86 -3.08 -24.81
C TYR A 50 9.71 -3.15 -23.55
N ASP A 51 9.45 -2.27 -22.58
CA ASP A 51 10.16 -2.30 -21.27
C ASP A 51 9.85 -3.63 -20.56
N ALA A 52 8.59 -4.08 -20.58
CA ALA A 52 8.12 -5.32 -19.93
C ALA A 52 8.94 -6.52 -20.43
N ILE A 53 9.07 -6.66 -21.74
CA ILE A 53 9.80 -7.79 -22.37
C ILE A 53 11.29 -7.70 -22.00
N LYS A 54 11.89 -6.51 -22.07
CA LYS A 54 13.31 -6.27 -21.67
C LYS A 54 13.53 -6.70 -20.22
N CYS A 55 12.64 -6.28 -19.31
CA CYS A 55 12.69 -6.67 -17.87
C CYS A 55 12.61 -8.19 -17.75
N MET A 56 11.71 -8.85 -18.47
CA MET A 56 11.55 -10.32 -18.34
C MET A 56 12.82 -11.06 -18.82
N LYS A 57 13.56 -10.48 -19.78
CA LYS A 57 14.78 -11.14 -20.34
C LYS A 57 15.94 -11.06 -19.34
N THR A 58 15.86 -10.22 -18.30
CA THR A 58 16.89 -10.15 -17.22
C THR A 58 16.75 -11.32 -16.25
N PHE A 59 15.63 -12.06 -16.31
CA PHE A 59 15.41 -13.31 -15.52
C PHE A 59 15.78 -14.53 -16.36
N PHE A 60 16.66 -15.39 -15.84
CA PHE A 60 17.25 -16.51 -16.61
C PHE A 60 16.65 -17.86 -16.22
N GLY A 61 15.60 -17.89 -15.38
CA GLY A 61 15.15 -19.15 -14.78
C GLY A 61 13.70 -19.50 -15.06
N TRP A 62 13.10 -18.92 -16.10
CA TRP A 62 11.72 -19.24 -16.51
C TRP A 62 11.58 -20.75 -16.72
N LYS A 63 10.44 -21.31 -16.32
CA LYS A 63 10.12 -22.74 -16.56
C LYS A 63 8.61 -22.87 -16.82
N GLU A 64 8.18 -24.06 -17.24
CA GLU A 64 6.75 -24.41 -17.43
C GLU A 64 5.97 -24.05 -16.16
N PRO A 65 4.93 -23.19 -16.24
CA PRO A 65 4.17 -22.83 -15.04
C PRO A 65 3.30 -23.98 -14.50
N ASN A 66 3.16 -24.03 -13.17
CA ASN A 66 2.26 -24.97 -12.46
C ASN A 66 1.55 -24.28 -11.29
N ILE A 67 0.31 -24.70 -11.04
CA ILE A 67 -0.47 -24.32 -9.83
C ILE A 67 0.21 -24.91 -8.59
N VAL A 68 0.56 -24.09 -7.60
CA VAL A 68 1.12 -24.62 -6.32
C VAL A 68 0.22 -24.21 -5.15
N LYS A 69 -0.67 -23.23 -5.29
CA LYS A 69 -1.64 -22.88 -4.21
C LYS A 69 -2.96 -22.51 -4.84
N PRO A 70 -3.92 -23.47 -4.92
CA PRO A 70 -5.20 -23.17 -5.54
C PRO A 70 -5.93 -22.01 -4.85
N HIS A 71 -6.63 -21.22 -5.66
CA HIS A 71 -7.73 -20.34 -5.21
C HIS A 71 -8.94 -21.24 -4.89
N GLU A 72 -9.36 -21.27 -3.62
CA GLU A 72 -10.43 -22.16 -3.11
C GLU A 72 -11.73 -21.89 -3.86
N LYS A 73 -12.07 -20.62 -4.13
CA LYS A 73 -13.37 -20.25 -4.75
C LYS A 73 -13.21 -19.92 -6.25
N GLY A 74 -12.24 -20.53 -6.93
CA GLY A 74 -11.94 -20.22 -8.34
C GLY A 74 -11.82 -21.46 -9.19
N ILE A 75 -11.78 -21.28 -10.51
CA ILE A 75 -11.45 -22.33 -11.51
C ILE A 75 -9.96 -22.20 -11.82
N ASN A 76 -9.13 -22.99 -11.13
CA ASN A 76 -7.67 -22.78 -11.08
C ASN A 76 -7.02 -23.00 -12.45
N PRO A 77 -7.46 -23.97 -13.30
CA PRO A 77 -6.90 -24.09 -14.66
C PRO A 77 -7.09 -22.81 -15.49
N ASN A 78 -8.13 -22.02 -15.22
CA ASN A 78 -8.33 -20.74 -15.98
C ASN A 78 -7.20 -19.74 -15.66
N TYR A 79 -6.71 -19.69 -14.42
CA TYR A 79 -5.61 -18.79 -14.00
C TYR A 79 -4.32 -19.23 -14.71
N LEU A 80 -4.04 -20.53 -14.70
CA LEU A 80 -2.84 -21.10 -15.36
C LEU A 80 -2.90 -20.81 -16.86
N MET A 81 -4.07 -21.00 -17.49
CA MET A 81 -4.24 -20.74 -18.94
C MET A 81 -4.09 -19.24 -19.22
N ALA A 82 -4.56 -18.38 -18.32
CA ALA A 82 -4.48 -16.91 -18.49
C ALA A 82 -3.00 -16.50 -18.57
N TRP A 83 -2.18 -16.99 -17.66
CA TRP A 83 -0.73 -16.69 -17.63
C TRP A 83 -0.06 -17.21 -18.91
N LYS A 84 -0.36 -18.44 -19.34
CA LYS A 84 0.23 -19.01 -20.59
CA LYS A 84 0.24 -19.00 -20.58
C LYS A 84 -0.16 -18.14 -21.78
N GLN A 85 -1.39 -17.60 -21.78
CA GLN A 85 -1.89 -16.70 -22.87
C GLN A 85 -1.13 -15.37 -22.85
N VAL A 86 -0.84 -14.81 -21.66
CA VAL A 86 -0.03 -13.56 -21.56
C VAL A 86 1.33 -13.85 -22.20
N LEU A 87 1.97 -14.99 -21.91
CA LEU A 87 3.32 -15.30 -22.46
C LEU A 87 3.21 -15.47 -23.99
N ALA A 88 2.16 -16.13 -24.48
CA ALA A 88 1.97 -16.36 -25.94
C ALA A 88 1.74 -15.01 -26.63
N GLU A 89 0.99 -14.10 -26.01
CA GLU A 89 0.71 -12.79 -26.65
C GLU A 89 1.96 -11.89 -26.60
N LEU A 90 2.79 -11.98 -25.56
CA LEU A 90 4.08 -11.23 -25.52
C LEU A 90 4.99 -11.77 -26.62
N GLN A 91 5.00 -13.08 -26.85
CA GLN A 91 5.77 -13.69 -27.97
C GLN A 91 5.27 -13.13 -29.31
N ASP A 92 3.96 -13.04 -29.52
CA ASP A 92 3.39 -12.45 -30.77
C ASP A 92 3.87 -10.99 -30.90
N ILE A 93 3.93 -10.23 -29.81
CA ILE A 93 4.41 -8.82 -29.81
C ILE A 93 5.90 -8.80 -30.20
N GLU A 94 6.67 -9.74 -29.65
CA GLU A 94 8.14 -9.84 -29.87
C GLU A 94 8.43 -10.12 -31.34
N ASN A 95 7.56 -10.92 -31.99
CA ASN A 95 7.67 -11.34 -33.41
C ASN A 95 7.32 -10.21 -34.40
N GLU A 96 6.83 -9.06 -33.95
CA GLU A 96 6.48 -7.88 -34.81
CA GLU A 96 6.53 -7.93 -34.87
C GLU A 96 7.58 -6.82 -34.67
N GLU A 97 7.96 -6.18 -35.78
CA GLU A 97 9.06 -5.17 -35.81
C GLU A 97 8.73 -4.01 -34.85
N LYS A 98 7.47 -3.60 -34.80
CA LYS A 98 6.99 -2.38 -34.10
C LYS A 98 6.21 -2.83 -32.86
N ILE A 99 6.66 -2.45 -31.66
CA ILE A 99 5.94 -2.73 -30.38
C ILE A 99 4.83 -1.69 -30.23
N PRO A 100 3.56 -2.12 -30.07
CA PRO A 100 2.46 -1.18 -29.94
C PRO A 100 2.40 -0.52 -28.55
N ARG A 101 1.81 0.67 -28.50
CA ARG A 101 1.55 1.45 -27.27
C ARG A 101 0.53 0.74 -26.37
N THR A 102 -0.45 0.05 -26.96
CA THR A 102 -1.41 -0.80 -26.21
C THR A 102 -1.62 -2.13 -26.93
N LYS A 103 -2.09 -3.15 -26.19
CA LYS A 103 -2.31 -4.53 -26.69
C LYS A 103 -3.69 -5.02 -26.22
N ASN A 104 -4.56 -5.39 -27.18
CA ASN A 104 -5.85 -6.03 -26.91
C ASN A 104 -5.65 -7.53 -26.97
N MET A 105 -6.08 -8.24 -25.95
CA MET A 105 -5.89 -9.72 -25.91
C MET A 105 -7.06 -10.41 -26.60
N LYS A 106 -6.84 -11.65 -27.00
CA LYS A 106 -7.91 -12.58 -27.44
C LYS A 106 -8.86 -12.83 -26.27
N ARG A 107 -10.15 -12.71 -26.50
CA ARG A 107 -11.15 -12.96 -25.43
C ARG A 107 -11.42 -14.46 -25.39
N THR A 108 -10.53 -15.19 -24.74
CA THR A 108 -10.62 -16.67 -24.59
C THR A 108 -11.64 -17.00 -23.51
N SER A 109 -12.06 -18.27 -23.44
CA SER A 109 -12.95 -18.76 -22.36
C SER A 109 -12.37 -18.47 -20.96
N GLN A 110 -11.05 -18.60 -20.76
CA GLN A 110 -10.43 -18.37 -19.42
C GLN A 110 -10.56 -16.89 -19.02
N LEU A 111 -10.36 -15.96 -19.95
CA LEU A 111 -10.43 -14.50 -19.63
C LEU A 111 -11.90 -14.10 -19.45
N LYS A 112 -12.82 -14.59 -20.29
CA LYS A 112 -14.28 -14.33 -20.13
C LYS A 112 -14.74 -14.80 -18.76
N TRP A 113 -14.29 -15.96 -18.29
CA TRP A 113 -14.63 -16.46 -16.93
C TRP A 113 -14.12 -15.46 -15.89
N ALA A 114 -12.86 -15.04 -16.01
CA ALA A 114 -12.17 -14.22 -15.00
C ALA A 114 -12.69 -12.77 -15.05
N LEU A 115 -13.12 -12.29 -16.22
CA LEU A 115 -13.44 -10.85 -16.47
C LEU A 115 -14.91 -10.60 -16.87
N GLY A 116 -15.55 -11.52 -17.61
CA GLY A 116 -16.98 -11.43 -17.97
C GLY A 116 -17.23 -11.51 -19.47
N GLU A 117 -18.48 -11.76 -19.86
CA GLU A 117 -18.90 -11.99 -21.25
C GLU A 117 -19.07 -10.66 -21.99
N ASN A 118 -19.20 -10.71 -23.31
CA ASN A 118 -19.48 -9.51 -24.14
C ASN A 118 -20.84 -8.93 -23.74
N MET A 119 -21.03 -7.64 -24.01
CA MET A 119 -22.27 -6.88 -23.71
C MET A 119 -22.56 -5.99 -24.92
N ALA A 120 -23.83 -5.71 -25.18
CA ALA A 120 -24.27 -4.82 -26.28
C ALA A 120 -23.71 -3.42 -26.01
N PRO A 121 -23.36 -2.62 -27.04
CA PRO A 121 -23.02 -1.21 -26.83
C PRO A 121 -24.20 -0.45 -26.23
N GLU A 122 -23.92 0.48 -25.30
CA GLU A 122 -24.93 1.26 -24.53
C GLU A 122 -25.60 2.27 -25.46
N LYS A 123 -26.95 2.28 -25.49
CA LYS A 123 -27.80 3.11 -26.38
C LYS A 123 -27.25 4.54 -26.46
N SER A 140 -14.42 -5.79 0.22
CA SER A 140 -15.11 -4.56 0.67
C SER A 140 -16.56 -4.88 1.09
N ASP A 141 -17.34 -5.48 0.17
CA ASP A 141 -18.75 -5.90 0.38
C ASP A 141 -18.81 -7.19 1.23
N GLU A 142 -17.68 -7.88 1.40
CA GLU A 142 -17.52 -9.06 2.29
C GLU A 142 -18.07 -8.72 3.68
N PRO A 143 -19.16 -9.38 4.15
CA PRO A 143 -19.86 -8.95 5.37
C PRO A 143 -19.40 -9.56 6.70
N GLU A 144 -18.79 -10.75 6.68
CA GLU A 144 -18.50 -11.55 7.91
C GLU A 144 -17.37 -10.90 8.70
N PRO A 145 -17.40 -10.96 10.05
CA PRO A 145 -16.33 -10.41 10.88
C PRO A 145 -15.01 -11.19 10.75
N ARG A 146 -13.88 -10.49 10.67
CA ARG A 146 -12.55 -11.14 10.63
C ARG A 146 -11.68 -10.61 11.77
N SER A 147 -10.79 -11.46 12.29
CA SER A 147 -9.79 -11.08 13.33
CA SER A 147 -9.78 -11.09 13.33
C SER A 147 -8.54 -10.48 12.66
N LEU A 148 -7.84 -9.65 13.42
CA LEU A 148 -6.62 -8.93 12.96
C LEU A 148 -5.46 -9.92 12.87
N ALA A 149 -4.93 -10.12 11.67
CA ALA A 149 -3.75 -10.98 11.41
C ALA A 149 -2.47 -10.15 11.55
N SER A 150 -1.40 -10.79 12.00
CA SER A 150 -0.05 -10.18 12.18
C SER A 150 0.47 -9.54 10.88
N TRP A 151 0.01 -9.95 9.70
CA TRP A 151 0.62 -9.48 8.41
C TRP A 151 0.38 -7.97 8.24
N VAL A 152 -0.66 -7.41 8.85
CA VAL A 152 -1.03 -5.98 8.63
C VAL A 152 0.05 -5.09 9.24
N GLN A 153 0.37 -5.32 10.53
CA GLN A 153 1.48 -4.62 11.23
C GLN A 153 2.78 -4.83 10.43
N ASN A 154 3.02 -6.05 9.98
CA ASN A 154 4.27 -6.40 9.25
CA ASN A 154 4.25 -6.41 9.25
C ASN A 154 4.35 -5.60 7.95
N GLU A 155 3.25 -5.52 7.21
CA GLU A 155 3.16 -4.67 5.99
C GLU A 155 3.51 -3.23 6.36
N PHE A 156 2.89 -2.69 7.41
CA PHE A 156 3.08 -1.28 7.83
C PHE A 156 4.56 -1.03 8.16
N ASN A 157 5.18 -1.94 8.88
CA ASN A 157 6.61 -1.86 9.26
C ASN A 157 7.47 -1.76 8.00
N LYS A 158 7.21 -2.63 7.02
CA LYS A 158 7.97 -2.66 5.75
C LYS A 158 7.79 -1.32 5.03
N ALA A 159 6.59 -0.72 5.10
CA ALA A 159 6.28 0.55 4.40
C ALA A 159 7.10 1.68 5.02
N CYS A 160 7.41 1.57 6.32
CA CYS A 160 8.12 2.62 7.09
C CYS A 160 9.62 2.58 6.78
N GLU A 161 10.12 1.47 6.26
CA GLU A 161 11.55 1.12 6.07
CA GLU A 161 11.57 1.25 6.16
CA GLU A 161 11.58 1.26 6.16
C GLU A 161 12.10 1.82 4.83
N LEU A 162 13.43 1.89 4.71
CA LEU A 162 14.16 2.50 3.57
C LEU A 162 14.47 1.43 2.52
N THR A 163 14.43 1.78 1.24
CA THR A 163 14.87 0.93 0.10
C THR A 163 16.27 1.38 -0.33
N ASP A 164 16.97 0.59 -1.16
CA ASP A 164 18.30 0.99 -1.72
C ASP A 164 18.11 2.11 -2.75
N SER A 165 16.87 2.33 -3.23
CA SER A 165 16.58 3.17 -4.42
C SER A 165 15.88 4.47 -4.03
N SER A 166 16.06 5.54 -4.81
CA SER A 166 15.30 6.79 -4.65
CA SER A 166 15.29 6.79 -4.64
C SER A 166 14.07 6.78 -5.57
N TRP A 167 12.90 7.12 -5.03
CA TRP A 167 11.58 7.05 -5.74
C TRP A 167 11.09 8.44 -6.16
N ILE A 168 11.65 9.51 -5.60
CA ILE A 168 11.23 10.91 -5.91
C ILE A 168 12.27 11.53 -6.83
N GLU A 169 11.82 12.18 -7.89
CA GLU A 169 12.69 12.82 -8.92
C GLU A 169 12.79 14.32 -8.60
N LEU A 170 13.95 14.92 -8.88
CA LEU A 170 14.21 16.38 -8.67
C LEU A 170 13.41 17.18 -9.70
N ASP A 171 13.16 18.46 -9.40
CA ASP A 171 12.43 19.41 -10.27
C ASP A 171 13.41 20.05 -11.28
N GLU A 172 12.87 20.82 -12.22
CA GLU A 172 13.61 21.68 -13.18
C GLU A 172 14.41 22.72 -12.39
N ILE A 173 15.67 22.96 -12.76
CA ILE A 173 16.60 23.91 -12.07
C ILE A 173 17.07 24.97 -13.09
N GLU A 181 11.59 30.83 0.45
CA GLU A 181 11.56 31.12 1.92
C GLU A 181 12.40 30.07 2.64
N HIS A 182 13.46 30.49 3.34
CA HIS A 182 14.47 29.62 4.01
C HIS A 182 13.77 28.45 4.72
N ILE A 183 12.80 28.74 5.60
CA ILE A 183 12.10 27.73 6.46
C ILE A 183 11.49 26.65 5.55
N ALA A 184 10.43 27.00 4.80
CA ALA A 184 9.65 26.09 3.94
C ALA A 184 10.58 25.27 3.04
N SER A 185 11.46 25.92 2.27
CA SER A 185 12.40 25.24 1.33
C SER A 185 13.23 24.19 2.08
N MET A 186 13.82 24.60 3.21
CA MET A 186 14.68 23.75 4.09
C MET A 186 13.86 22.58 4.63
N ARG A 187 12.57 22.82 4.93
CA ARG A 187 11.67 21.78 5.50
C ARG A 187 11.38 20.74 4.43
N ARG A 188 10.90 21.19 3.26
CA ARG A 188 10.58 20.27 2.13
C ARG A 188 11.82 19.43 1.82
N ASN A 189 13.00 20.05 1.79
CA ASN A 189 14.27 19.38 1.39
C ASN A 189 14.67 18.37 2.46
N TYR A 190 14.51 18.72 3.74
CA TYR A 190 14.84 17.83 4.88
C TYR A 190 13.89 16.62 4.86
N PHE A 191 12.60 16.89 4.70
CA PHE A 191 11.52 15.87 4.62
C PHE A 191 11.80 14.95 3.44
N THR A 192 11.93 15.51 2.23
CA THR A 192 12.23 14.76 0.97
C THR A 192 13.45 13.86 1.17
N ALA A 193 14.54 14.35 1.78
CA ALA A 193 15.79 13.55 2.00
C ALA A 193 15.48 12.32 2.85
N GLU A 194 14.51 12.44 3.77
CA GLU A 194 14.12 11.38 4.75
C GLU A 194 13.20 10.33 4.11
N VAL A 195 12.41 10.71 3.09
CA VAL A 195 11.35 9.81 2.54
C VAL A 195 11.65 9.42 1.08
N SER A 196 12.72 9.93 0.47
CA SER A 196 12.93 9.70 -0.99
C SER A 196 13.15 8.21 -1.23
N HIS A 197 13.82 7.52 -0.30
CA HIS A 197 14.17 6.08 -0.39
C HIS A 197 13.13 5.21 0.35
N CYS A 198 12.08 5.82 0.92
CA CYS A 198 11.12 5.12 1.80
C CYS A 198 10.27 4.15 0.97
N ARG A 199 10.05 2.91 1.44
CA ARG A 199 9.22 1.92 0.71
C ARG A 199 7.82 2.49 0.44
N ALA A 200 7.23 3.30 1.33
CA ALA A 200 5.90 3.91 1.12
C ALA A 200 5.92 4.78 -0.14
N THR A 201 7.06 5.42 -0.43
CA THR A 201 7.23 6.28 -1.64
C THR A 201 7.21 5.40 -2.89
N GLU A 202 7.78 4.19 -2.81
CA GLU A 202 7.69 3.20 -3.90
C GLU A 202 6.21 2.90 -4.19
N TYR A 203 5.42 2.70 -3.14
CA TYR A 203 3.97 2.36 -3.26
C TYR A 203 3.21 3.53 -3.91
N ILE A 204 3.58 4.77 -3.60
CA ILE A 204 2.97 5.97 -4.27
C ILE A 204 3.24 5.90 -5.78
N MET A 205 4.50 5.77 -6.18
CA MET A 205 4.88 5.82 -7.63
C MET A 205 4.30 4.60 -8.36
N LYS A 206 4.39 3.41 -7.78
CA LYS A 206 3.75 2.18 -8.32
C LYS A 206 2.25 2.42 -8.51
N GLY A 207 1.57 2.95 -7.48
CA GLY A 207 0.15 3.27 -7.54
C GLY A 207 -0.18 4.32 -8.62
N VAL A 208 0.59 5.39 -8.71
CA VAL A 208 0.35 6.45 -9.75
C VAL A 208 0.45 5.81 -11.14
N TYR A 209 1.51 5.07 -11.42
CA TYR A 209 1.73 4.47 -12.76
CA TYR A 209 1.77 4.45 -12.75
C TYR A 209 0.57 3.54 -13.15
N ILE A 210 0.21 2.59 -12.28
CA ILE A 210 -0.76 1.51 -12.66
CA ILE A 210 -0.77 1.50 -12.60
C ILE A 210 -2.17 2.12 -12.78
N ASN A 211 -2.56 3.01 -11.87
CA ASN A 211 -3.88 3.69 -11.97
C ASN A 211 -3.93 4.60 -13.21
N THR A 212 -2.82 5.23 -13.60
CA THR A 212 -2.78 6.05 -14.86
C THR A 212 -3.05 5.13 -16.06
N ALA A 213 -2.37 3.99 -16.13
CA ALA A 213 -2.45 3.06 -17.28
C ALA A 213 -3.87 2.46 -17.33
N LEU A 214 -4.42 2.09 -16.16
CA LEU A 214 -5.73 1.44 -16.09
C LEU A 214 -6.84 2.44 -16.41
N LEU A 215 -6.76 3.67 -15.95
CA LEU A 215 -7.83 4.69 -16.21
CA LEU A 215 -7.82 4.69 -16.21
C LEU A 215 -7.82 5.04 -17.70
N ASN A 216 -6.63 5.32 -18.27
CA ASN A 216 -6.52 5.71 -19.70
C ASN A 216 -7.05 4.56 -20.57
N ALA A 217 -6.70 3.31 -20.26
CA ALA A 217 -7.19 2.12 -21.00
C ALA A 217 -8.69 1.96 -20.79
N SER A 218 -9.17 2.20 -19.57
CA SER A 218 -10.61 2.06 -19.24
C SER A 218 -11.43 3.02 -20.11
N CYS A 219 -10.91 4.23 -20.34
CA CYS A 219 -11.61 5.29 -21.13
C CYS A 219 -11.48 5.03 -22.63
N ALA A 220 -10.34 4.53 -23.10
CA ALA A 220 -9.99 4.52 -24.54
C ALA A 220 -10.38 3.19 -25.22
N ALA A 221 -10.49 2.09 -24.47
CA ALA A 221 -10.72 0.75 -25.05
C ALA A 221 -11.74 0.00 -24.19
N MET A 222 -12.99 0.47 -24.20
CA MET A 222 -14.03 0.10 -23.20
C MET A 222 -14.39 -1.38 -23.29
N ASP A 223 -14.38 -1.97 -24.50
CA ASP A 223 -14.79 -3.39 -24.74
C ASP A 223 -13.61 -4.36 -24.68
N ASP A 224 -12.37 -3.87 -24.83
CA ASP A 224 -11.20 -4.78 -25.04
C ASP A 224 -10.58 -5.19 -23.70
N PHE A 225 -10.06 -6.40 -23.67
CA PHE A 225 -9.18 -6.93 -22.60
C PHE A 225 -7.74 -6.50 -22.91
N GLN A 226 -7.26 -5.43 -22.28
CA GLN A 226 -5.91 -4.89 -22.60
C GLN A 226 -4.89 -5.45 -21.61
N LEU A 227 -3.73 -5.82 -22.15
CA LEU A 227 -2.57 -6.27 -21.36
C LEU A 227 -1.76 -5.05 -20.94
N ILE A 228 -1.71 -4.80 -19.63
CA ILE A 228 -1.10 -3.60 -19.02
C ILE A 228 0.06 -4.02 -18.13
N PRO A 229 1.32 -3.77 -18.54
CA PRO A 229 2.45 -3.96 -17.63
C PRO A 229 2.32 -3.09 -16.37
N MET A 230 2.67 -3.67 -15.22
CA MET A 230 2.83 -2.96 -13.92
C MET A 230 4.28 -2.50 -13.75
N ILE A 231 4.50 -1.20 -13.88
CA ILE A 231 5.84 -0.60 -14.04
C ILE A 231 6.05 0.48 -12.98
N SER A 232 7.30 0.65 -12.57
CA SER A 232 7.76 1.82 -11.80
C SER A 232 9.17 2.18 -12.26
N LYS A 233 9.61 3.38 -11.92
CA LYS A 233 10.98 3.87 -12.20
C LYS A 233 11.57 4.38 -10.88
N CYS A 234 12.88 4.19 -10.71
CA CYS A 234 13.62 4.71 -9.53
C CYS A 234 15.05 5.00 -9.94
N ARG A 235 15.83 5.57 -9.02
CA ARG A 235 17.29 5.79 -9.23
C ARG A 235 18.05 4.98 -8.20
N THR A 236 19.03 4.20 -8.66
CA THR A 236 19.95 3.42 -7.78
C THR A 236 20.72 4.39 -6.88
N LYS A 237 21.43 3.85 -5.87
CA LYS A 237 22.41 4.61 -5.03
C LYS A 237 23.39 5.39 -5.94
N GLU A 238 23.68 4.86 -7.13
CA GLU A 238 24.68 5.42 -8.10
C GLU A 238 24.04 6.49 -8.99
N GLY A 239 22.79 6.91 -8.71
CA GLY A 239 22.10 7.99 -9.44
C GLY A 239 21.65 7.56 -10.83
N ARG A 240 21.78 6.28 -11.16
CA ARG A 240 21.41 5.71 -12.48
C ARG A 240 19.94 5.30 -12.49
N ARG A 241 19.25 5.45 -13.63
CA ARG A 241 17.78 5.28 -13.72
C ARG A 241 17.44 3.79 -13.94
N LYS A 242 16.44 3.27 -13.22
CA LYS A 242 15.98 1.85 -13.38
C LYS A 242 14.51 1.80 -13.77
N THR A 243 14.14 0.88 -14.67
CA THR A 243 12.72 0.56 -14.95
C THR A 243 12.40 -0.82 -14.33
N ASN A 244 11.31 -0.89 -13.58
CA ASN A 244 10.94 -2.08 -12.76
C ASN A 244 9.64 -2.68 -13.31
N LEU A 245 9.56 -4.00 -13.44
CA LEU A 245 8.34 -4.73 -13.84
C LEU A 245 7.89 -5.59 -12.67
N TYR A 246 6.66 -5.38 -12.20
CA TYR A 246 6.10 -6.14 -11.06
C TYR A 246 5.27 -7.34 -11.54
N GLY A 247 4.83 -7.27 -12.80
CA GLY A 247 3.85 -8.20 -13.38
C GLY A 247 2.93 -7.48 -14.33
N PHE A 248 1.73 -8.02 -14.50
CA PHE A 248 0.75 -7.53 -15.49
C PHE A 248 -0.64 -7.50 -14.87
N ILE A 249 -1.42 -6.54 -15.36
CA ILE A 249 -2.90 -6.51 -15.21
C ILE A 249 -3.55 -6.75 -16.59
N ILE A 250 -4.62 -7.53 -16.61
CA ILE A 250 -5.52 -7.61 -17.81
C ILE A 250 -6.79 -6.84 -17.43
N LYS A 251 -7.09 -5.76 -18.15
CA LYS A 251 -8.32 -4.98 -17.92
C LYS A 251 -9.52 -5.73 -18.50
N GLY A 252 -10.63 -5.78 -17.77
CA GLY A 252 -11.91 -6.31 -18.29
C GLY A 252 -12.72 -5.27 -19.02
N ARG A 253 -13.98 -5.57 -19.30
CA ARG A 253 -14.92 -4.58 -19.91
C ARG A 253 -15.02 -3.33 -19.01
N SER A 254 -14.97 -2.14 -19.61
CA SER A 254 -14.82 -0.86 -18.85
C SER A 254 -15.67 0.26 -19.45
N HIS A 255 -17.00 0.07 -19.48
CA HIS A 255 -18.01 1.13 -19.78
C HIS A 255 -18.28 1.93 -18.51
N LEU A 256 -17.33 2.78 -18.12
CA LEU A 256 -17.35 3.51 -16.82
C LEU A 256 -18.05 4.86 -17.04
N ARG A 257 -19.38 4.86 -16.88
CA ARG A 257 -20.26 6.04 -17.12
C ARG A 257 -20.18 6.98 -15.91
N ASN A 258 -20.48 6.45 -14.72
CA ASN A 258 -20.36 7.18 -13.42
C ASN A 258 -19.03 6.78 -12.75
N ASP A 259 -18.60 7.56 -11.75
CA ASP A 259 -17.27 7.40 -11.13
C ASP A 259 -17.27 6.20 -10.16
N THR A 260 -18.43 5.57 -9.93
CA THR A 260 -18.59 4.36 -9.05
C THR A 260 -18.64 3.04 -9.84
N ASP A 261 -18.80 3.08 -11.16
CA ASP A 261 -18.88 1.88 -12.05
C ASP A 261 -17.58 1.09 -11.92
N VAL A 262 -17.67 -0.23 -11.78
CA VAL A 262 -16.52 -1.13 -11.47
C VAL A 262 -15.90 -1.61 -12.79
N VAL A 263 -14.59 -1.51 -12.93
CA VAL A 263 -13.83 -2.25 -13.98
C VAL A 263 -13.19 -3.44 -13.28
N ASN A 264 -13.48 -4.66 -13.74
CA ASN A 264 -12.82 -5.89 -13.24
C ASN A 264 -11.46 -6.00 -13.92
N PHE A 265 -10.46 -6.51 -13.22
CA PHE A 265 -9.15 -6.79 -13.83
C PHE A 265 -8.59 -8.09 -13.25
N VAL A 266 -7.65 -8.70 -13.95
CA VAL A 266 -6.86 -9.85 -13.42
C VAL A 266 -5.45 -9.32 -13.16
N SER A 267 -4.98 -9.45 -11.92
CA SER A 267 -3.59 -9.12 -11.54
C SER A 267 -2.71 -10.40 -11.55
N MET A 268 -1.49 -10.29 -12.08
CA MET A 268 -0.50 -11.38 -12.20
C MET A 268 0.86 -10.82 -11.77
N GLU A 269 1.29 -11.16 -10.57
CA GLU A 269 2.37 -10.39 -9.88
C GLU A 269 3.48 -11.33 -9.46
N PHE A 270 4.73 -11.00 -9.83
CA PHE A 270 5.93 -11.77 -9.39
C PHE A 270 6.07 -11.68 -7.87
N SER A 271 6.59 -12.74 -7.26
CA SER A 271 6.90 -12.80 -5.80
C SER A 271 7.83 -13.97 -5.49
N LEU A 272 8.65 -13.81 -4.44
CA LEU A 272 9.42 -14.90 -3.80
C LEU A 272 8.70 -15.41 -2.56
N THR A 273 7.59 -14.78 -2.14
CA THR A 273 6.85 -15.23 -0.91
C THR A 273 6.23 -16.62 -1.11
N ASP A 274 6.60 -17.59 -0.28
CA ASP A 274 5.88 -18.90 -0.21
C ASP A 274 4.49 -18.65 0.37
N PRO A 275 3.41 -18.91 -0.38
CA PRO A 275 2.06 -18.60 0.10
C PRO A 275 1.57 -19.52 1.22
N ARG A 276 2.31 -20.60 1.49
CA ARG A 276 1.90 -21.57 2.54
C ARG A 276 2.15 -21.03 3.96
N LEU A 277 3.01 -20.03 4.12
CA LEU A 277 3.36 -19.47 5.45
C LEU A 277 2.12 -18.81 6.08
N GLU A 278 1.36 -18.05 5.29
CA GLU A 278 0.16 -17.30 5.77
C GLU A 278 -1.02 -17.54 4.85
N PRO A 279 -1.64 -18.74 4.87
CA PRO A 279 -2.70 -19.08 3.93
C PRO A 279 -3.87 -18.08 3.98
N HIS A 280 -4.20 -17.59 5.19
CA HIS A 280 -5.28 -16.60 5.41
C HIS A 280 -5.01 -15.34 4.56
N LYS A 281 -3.76 -14.92 4.44
CA LYS A 281 -3.41 -13.66 3.70
C LYS A 281 -3.77 -13.80 2.22
N TRP A 282 -3.68 -15.02 1.69
CA TRP A 282 -3.76 -15.31 0.24
C TRP A 282 -5.05 -16.01 -0.18
N GLU A 283 -6.13 -15.87 0.60
CA GLU A 283 -7.42 -16.56 0.32
C GLU A 283 -7.97 -16.24 -1.06
N LYS A 284 -7.79 -15.02 -1.57
CA LYS A 284 -8.37 -14.55 -2.84
C LYS A 284 -7.49 -14.98 -4.03
N TYR A 285 -6.32 -15.54 -3.79
CA TYR A 285 -5.31 -15.68 -4.88
C TYR A 285 -5.20 -17.13 -5.33
N CYS A 286 -4.88 -17.31 -6.61
CA CYS A 286 -4.25 -18.57 -7.12
C CYS A 286 -2.74 -18.28 -7.25
N VAL A 287 -1.88 -19.15 -6.71
CA VAL A 287 -0.41 -18.98 -6.84
C VAL A 287 0.17 -20.04 -7.78
N LEU A 288 0.86 -19.56 -8.81
CA LEU A 288 1.63 -20.39 -9.77
C LEU A 288 3.12 -20.31 -9.39
N GLU A 289 3.86 -21.37 -9.70
CA GLU A 289 5.35 -21.40 -9.66
C GLU A 289 5.80 -21.26 -11.12
N ILE A 290 6.58 -20.22 -11.45
CA ILE A 290 6.86 -19.80 -12.86
C ILE A 290 8.36 -19.79 -13.17
N GLY A 291 9.22 -20.06 -12.18
CA GLY A 291 10.67 -19.91 -12.39
C GLY A 291 11.50 -20.36 -11.22
N ASP A 292 12.82 -20.42 -11.43
CA ASP A 292 13.84 -20.72 -10.39
C ASP A 292 14.75 -19.49 -10.30
N MET A 293 14.87 -18.93 -9.11
CA MET A 293 15.67 -17.72 -8.82
C MET A 293 16.91 -18.13 -8.03
N LEU A 294 18.10 -17.76 -8.49
CA LEU A 294 19.38 -17.97 -7.75
C LEU A 294 19.48 -16.88 -6.68
N LEU A 295 19.52 -17.27 -5.41
CA LEU A 295 19.50 -16.30 -4.27
C LEU A 295 20.75 -16.49 -3.42
N ARG A 296 21.28 -15.37 -2.90
CA ARG A 296 22.37 -15.35 -1.88
C ARG A 296 21.78 -15.61 -0.49
N THR A 297 22.46 -16.46 0.28
CA THR A 297 22.13 -16.76 1.72
C THR A 297 23.47 -16.83 2.46
N ALA A 298 23.44 -16.75 3.80
CA ALA A 298 24.65 -16.81 4.66
C ALA A 298 25.54 -17.99 4.23
N ILE A 299 24.93 -19.13 3.93
CA ILE A 299 25.62 -20.41 3.57
C ILE A 299 26.16 -20.31 2.14
N GLY A 300 25.47 -19.58 1.24
CA GLY A 300 25.94 -19.31 -0.13
C GLY A 300 24.78 -19.14 -1.11
N GLN A 301 24.86 -19.81 -2.27
CA GLN A 301 23.84 -19.75 -3.36
C GLN A 301 22.81 -20.87 -3.16
N VAL A 302 21.52 -20.56 -3.39
CA VAL A 302 20.40 -21.55 -3.34
C VAL A 302 19.45 -21.25 -4.51
N SER A 303 18.76 -22.29 -5.01
CA SER A 303 17.63 -22.13 -5.96
C SER A 303 16.36 -21.90 -5.13
N ARG A 304 15.61 -20.81 -5.38
CA ARG A 304 14.27 -20.65 -4.73
C ARG A 304 13.22 -20.38 -5.81
N PRO A 305 11.97 -20.85 -5.61
CA PRO A 305 10.93 -20.63 -6.60
C PRO A 305 10.57 -19.15 -6.75
N MET A 306 10.39 -18.72 -8.00
CA MET A 306 9.67 -17.47 -8.32
C MET A 306 8.20 -17.85 -8.52
N PHE A 307 7.32 -17.12 -7.84
CA PHE A 307 5.85 -17.32 -7.88
C PHE A 307 5.19 -16.23 -8.73
N LEU A 308 3.98 -16.56 -9.23
CA LEU A 308 3.02 -15.58 -9.77
C LEU A 308 1.76 -15.61 -8.91
N TYR A 309 1.47 -14.49 -8.25
CA TYR A 309 0.25 -14.26 -7.45
C TYR A 309 -0.83 -13.76 -8.41
N VAL A 310 -1.88 -14.57 -8.61
CA VAL A 310 -2.97 -14.25 -9.57
C VAL A 310 -4.28 -14.04 -8.79
N ARG A 311 -4.97 -12.95 -9.06
CA ARG A 311 -6.37 -12.80 -8.55
C ARG A 311 -7.19 -11.95 -9.50
N THR A 312 -8.50 -12.14 -9.40
CA THR A 312 -9.49 -11.18 -9.96
CA THR A 312 -9.50 -11.19 -9.95
C THR A 312 -9.75 -10.10 -8.90
N ASN A 313 -9.92 -8.88 -9.37
CA ASN A 313 -10.08 -7.69 -8.49
C ASN A 313 -10.88 -6.68 -9.30
N GLY A 314 -11.15 -5.52 -8.71
CA GLY A 314 -11.98 -4.49 -9.33
C GLY A 314 -11.64 -3.14 -8.78
N THR A 315 -11.91 -2.10 -9.56
CA THR A 315 -11.67 -0.69 -9.14
C THR A 315 -12.66 0.19 -9.91
N SER A 316 -12.64 1.50 -9.66
CA SER A 316 -13.64 2.44 -10.25
C SER A 316 -12.90 3.68 -10.74
N LYS A 317 -13.58 4.56 -11.47
CA LYS A 317 -12.95 5.83 -11.90
C LYS A 317 -12.47 6.58 -10.65
N ILE A 318 -13.27 6.67 -9.59
CA ILE A 318 -12.93 7.54 -8.42
C ILE A 318 -11.69 6.97 -7.72
N LYS A 319 -11.62 5.65 -7.53
CA LYS A 319 -10.45 4.98 -6.90
C LYS A 319 -9.21 5.16 -7.78
N MET A 320 -9.36 5.04 -9.09
CA MET A 320 -8.21 5.19 -10.03
C MET A 320 -7.74 6.64 -9.98
N LYS A 321 -8.65 7.60 -9.86
CA LYS A 321 -8.31 9.05 -9.78
CA LYS A 321 -8.32 9.06 -9.78
C LYS A 321 -7.49 9.30 -8.50
N TRP A 322 -7.93 8.73 -7.37
CA TRP A 322 -7.22 8.79 -6.08
C TRP A 322 -5.81 8.19 -6.23
N GLY A 323 -5.68 7.05 -6.91
CA GLY A 323 -4.40 6.37 -7.13
C GLY A 323 -3.44 7.24 -7.92
N MET A 324 -3.97 7.96 -8.92
CA MET A 324 -3.17 8.86 -9.79
C MET A 324 -2.72 10.09 -9.00
N GLU A 325 -3.43 10.37 -7.90
CA GLU A 325 -3.17 11.52 -6.99
C GLU A 325 -2.29 11.12 -5.79
N MET A 326 -1.77 9.89 -5.71
CA MET A 326 -1.11 9.40 -4.47
C MET A 326 0.10 10.26 -4.09
N ARG A 327 0.68 11.08 -4.99
CA ARG A 327 1.80 11.98 -4.57
C ARG A 327 1.29 12.97 -3.52
N ARG A 328 -0.03 13.19 -3.45
CA ARG A 328 -0.69 13.99 -2.37
C ARG A 328 -0.23 13.52 -0.97
N CYS A 329 -0.06 12.20 -0.78
CA CYS A 329 0.40 11.63 0.52
C CYS A 329 1.68 12.32 1.01
N LEU A 330 2.58 12.70 0.10
CA LEU A 330 3.86 13.37 0.43
C LEU A 330 3.61 14.78 0.97
N LEU A 331 2.66 15.52 0.39
CA LEU A 331 2.34 16.90 0.83
C LEU A 331 1.64 16.81 2.17
N GLN A 332 0.69 15.88 2.29
CA GLN A 332 -0.21 15.76 3.46
C GLN A 332 0.61 15.31 4.68
N SER A 333 1.62 14.46 4.51
CA SER A 333 2.47 13.97 5.64
C SER A 333 3.52 15.03 6.01
N LEU A 334 4.06 15.77 5.02
CA LEU A 334 4.90 16.99 5.24
C LEU A 334 4.13 18.01 6.08
N GLN A 335 2.86 18.26 5.78
CA GLN A 335 1.95 19.15 6.56
C GLN A 335 2.01 18.76 8.04
N GLN A 336 1.90 17.46 8.35
CA GLN A 336 1.80 16.95 9.75
C GLN A 336 3.14 17.15 10.48
N ILE A 337 4.25 17.03 9.76
CA ILE A 337 5.63 17.28 10.27
C ILE A 337 5.81 18.79 10.50
N GLU A 338 5.38 19.60 9.54
CA GLU A 338 5.46 21.09 9.63
C GLU A 338 4.80 21.50 10.95
N SER A 339 3.54 21.13 11.18
CA SER A 339 2.78 21.44 12.42
CA SER A 339 2.79 21.45 12.42
C SER A 339 3.61 21.07 13.68
N MET A 340 4.30 19.93 13.66
CA MET A 340 5.09 19.45 14.83
C MET A 340 6.30 20.35 15.06
N ILE A 341 6.92 20.85 13.99
CA ILE A 341 8.08 21.79 14.09
C ILE A 341 7.54 23.15 14.49
N GLU A 342 6.30 23.48 14.14
CA GLU A 342 5.67 24.79 14.45
CA GLU A 342 5.64 24.78 14.45
C GLU A 342 5.44 24.91 15.97
N ALA A 343 4.92 23.86 16.61
CA ALA A 343 4.57 23.83 18.06
C ALA A 343 5.81 24.02 18.94
N GLU A 344 6.90 23.29 18.65
CA GLU A 344 8.17 23.32 19.43
C GLU A 344 9.05 24.50 19.00
N SER A 345 8.67 25.21 17.92
CA SER A 345 9.32 26.49 17.50
C SER A 345 8.71 27.67 18.26
N SER A 346 7.47 27.52 18.73
CA SER A 346 6.76 28.52 19.59
C SER A 346 7.38 28.52 20.99
N VAL A 347 7.39 27.34 21.64
CA VAL A 347 7.84 27.12 23.05
C VAL A 347 9.27 27.64 23.24
N LYS A 348 10.22 27.17 22.41
CA LYS A 348 11.67 27.52 22.52
C LYS A 348 11.94 28.85 21.79
N GLU A 349 10.91 29.46 21.17
CA GLU A 349 10.96 30.80 20.50
C GLU A 349 12.10 30.86 19.48
N LYS A 350 12.63 29.70 19.08
CA LYS A 350 13.72 29.54 18.08
C LYS A 350 13.38 28.33 17.19
N ASP A 351 13.04 28.58 15.92
CA ASP A 351 12.73 27.55 14.89
C ASP A 351 13.80 26.44 14.94
N MET A 352 13.38 25.18 15.17
CA MET A 352 14.29 24.04 15.48
C MET A 352 14.55 23.18 14.24
N THR A 353 14.06 23.60 13.07
CA THR A 353 14.15 22.81 11.80
C THR A 353 15.50 22.09 11.73
N LYS A 354 16.58 22.85 11.53
CA LYS A 354 17.96 22.32 11.32
C LYS A 354 18.27 21.33 12.45
N GLU A 355 18.05 21.72 13.70
CA GLU A 355 18.43 20.93 14.90
C GLU A 355 17.69 19.58 14.89
N PHE A 356 16.39 19.57 14.58
CA PHE A 356 15.55 18.36 14.49
C PHE A 356 16.18 17.36 13.51
N PHE A 357 16.37 17.78 12.26
CA PHE A 357 16.92 16.92 11.17
C PHE A 357 18.43 16.73 11.37
N GLU A 358 19.15 17.74 11.89
CA GLU A 358 20.63 17.73 12.05
C GLU A 358 21.02 16.99 13.33
N ASN A 359 20.68 17.56 14.50
CA ASN A 359 21.07 17.05 15.85
C ASN A 359 20.74 15.55 15.93
N LYS A 360 19.50 15.19 15.56
CA LYS A 360 18.96 13.81 15.69
C LYS A 360 19.05 13.37 17.16
N SER A 361 18.97 14.34 18.07
CA SER A 361 19.10 14.12 19.54
C SER A 361 17.70 14.07 20.18
N GLU A 362 16.82 14.99 19.78
CA GLU A 362 15.36 14.98 20.09
C GLU A 362 14.75 13.68 19.53
N THR A 363 13.93 12.99 20.33
CA THR A 363 13.24 11.74 19.89
C THR A 363 11.72 11.88 20.00
N TRP A 364 11.00 10.96 19.36
CA TRP A 364 9.52 10.87 19.42
C TRP A 364 9.09 9.43 19.70
N PRO A 365 7.99 9.25 20.46
CA PRO A 365 7.40 7.93 20.67
C PRO A 365 6.69 7.47 19.37
N ILE A 366 7.30 6.52 18.65
CA ILE A 366 6.89 6.13 17.27
C ILE A 366 6.70 4.61 17.13
N GLY A 367 7.24 3.80 18.05
CA GLY A 367 7.13 2.34 17.95
C GLY A 367 6.91 1.71 19.31
N GLU A 368 6.63 0.40 19.33
CA GLU A 368 6.52 -0.36 20.58
C GLU A 368 6.94 -1.82 20.38
N SER A 369 7.32 -2.45 21.49
CA SER A 369 7.64 -3.89 21.63
C SER A 369 7.06 -4.36 22.97
N PRO A 370 7.09 -5.68 23.29
CA PRO A 370 6.67 -6.12 24.62
C PRO A 370 7.37 -5.34 25.75
N ARG A 371 8.56 -4.81 25.48
CA ARG A 371 9.40 -4.03 26.43
C ARG A 371 8.85 -2.63 26.69
N GLY A 372 7.91 -2.13 25.87
CA GLY A 372 7.28 -0.81 26.03
C GLY A 372 7.52 0.09 24.84
N VAL A 373 7.31 1.40 25.01
CA VAL A 373 7.37 2.41 23.90
C VAL A 373 8.81 2.54 23.43
N GLU A 374 9.01 2.65 22.12
CA GLU A 374 10.35 2.86 21.48
C GLU A 374 10.41 4.28 20.91
N GLU A 375 11.42 5.04 21.32
CA GLU A 375 11.65 6.44 20.87
C GLU A 375 12.37 6.37 19.52
N GLY A 376 12.15 7.36 18.65
CA GLY A 376 12.74 7.35 17.29
C GLY A 376 13.10 8.74 16.82
N SER A 377 14.07 8.80 15.90
CA SER A 377 14.52 10.01 15.17
C SER A 377 13.36 10.65 14.39
N ILE A 378 13.51 11.92 14.00
CA ILE A 378 12.52 12.68 13.17
C ILE A 378 12.34 11.97 11.81
N GLY A 379 13.40 11.35 11.30
CA GLY A 379 13.37 10.55 10.06
C GLY A 379 12.34 9.43 10.18
N LYS A 380 12.39 8.67 11.27
CA LYS A 380 11.43 7.58 11.54
C LYS A 380 10.03 8.18 11.63
N VAL A 381 9.89 9.40 12.16
CA VAL A 381 8.55 10.05 12.27
C VAL A 381 8.10 10.43 10.85
N CYS A 382 8.98 11.02 10.04
CA CYS A 382 8.62 11.39 8.64
C CYS A 382 8.08 10.17 7.92
N ARG A 383 8.81 9.04 8.00
CA ARG A 383 8.48 7.81 7.25
C ARG A 383 7.22 7.18 7.84
N THR A 384 7.03 7.17 9.16
CA THR A 384 5.82 6.57 9.78
C THR A 384 4.58 7.34 9.33
N LEU A 385 4.58 8.68 9.41
CA LEU A 385 3.39 9.48 8.99
C LEU A 385 3.15 9.34 7.47
N LEU A 386 4.19 9.33 6.63
CA LEU A 386 4.01 9.06 5.17
C LEU A 386 3.33 7.69 5.00
N ALA A 387 3.89 6.64 5.58
CA ALA A 387 3.35 5.26 5.50
C ALA A 387 1.87 5.26 5.89
N LYS A 388 1.50 5.97 6.97
CA LYS A 388 0.09 5.98 7.44
C LYS A 388 -0.80 6.65 6.39
N SER A 389 -0.35 7.76 5.81
CA SER A 389 -1.11 8.47 4.74
C SER A 389 -1.28 7.54 3.54
N VAL A 390 -0.20 6.85 3.15
CA VAL A 390 -0.19 5.96 1.94
C VAL A 390 -1.10 4.75 2.19
N PHE A 391 -1.02 4.12 3.36
CA PHE A 391 -1.94 3.01 3.72
C PHE A 391 -3.38 3.51 3.76
N ASN A 392 -3.64 4.74 4.23
CA ASN A 392 -5.03 5.28 4.20
C ASN A 392 -5.53 5.26 2.75
N SER A 393 -4.65 5.53 1.79
CA SER A 393 -5.02 5.56 0.35
C SER A 393 -5.13 4.14 -0.22
N LEU A 394 -4.15 3.27 0.01
CA LEU A 394 -4.15 1.87 -0.51
C LEU A 394 -5.34 1.09 0.05
N TYR A 395 -5.69 1.29 1.32
CA TYR A 395 -6.79 0.52 1.96
C TYR A 395 -7.98 1.45 2.27
N ALA A 396 -8.20 2.48 1.46
CA ALA A 396 -9.31 3.45 1.60
C ALA A 396 -10.63 2.67 1.73
N SER A 397 -11.50 3.10 2.64
CA SER A 397 -12.81 2.45 2.88
C SER A 397 -13.72 3.39 3.66
N PRO A 398 -15.05 3.22 3.54
CA PRO A 398 -16.01 3.99 4.35
C PRO A 398 -15.77 3.79 5.86
N GLN A 399 -15.48 2.55 6.26
CA GLN A 399 -15.19 2.17 7.67
C GLN A 399 -14.00 2.98 8.19
N LEU A 400 -12.99 3.22 7.36
CA LEU A 400 -11.83 4.05 7.76
C LEU A 400 -12.31 5.48 8.04
N GLU A 401 -13.19 6.03 7.20
CA GLU A 401 -13.63 7.44 7.32
C GLU A 401 -14.39 7.61 8.64
N GLY A 402 -15.27 6.64 8.93
CA GLY A 402 -16.03 6.58 10.20
C GLY A 402 -15.10 6.41 11.39
N PHE A 403 -14.25 5.38 11.36
CA PHE A 403 -13.29 5.13 12.46
C PHE A 403 -12.46 6.39 12.70
N SER A 404 -11.99 7.06 11.65
CA SER A 404 -11.07 8.21 11.81
C SER A 404 -11.80 9.37 12.52
N ALA A 405 -13.01 9.70 12.07
CA ALA A 405 -13.82 10.81 12.64
C ALA A 405 -14.12 10.54 14.13
N GLU A 406 -14.63 9.35 14.44
CA GLU A 406 -15.10 8.99 15.82
C GLU A 406 -13.91 8.78 16.75
N SER A 407 -12.88 8.06 16.32
CA SER A 407 -11.66 7.83 17.13
C SER A 407 -10.98 9.15 17.51
N ARG A 408 -11.02 10.18 16.66
CA ARG A 408 -10.42 11.50 16.99
C ARG A 408 -11.09 12.10 18.24
N LYS A 409 -12.40 11.97 18.36
CA LYS A 409 -13.20 12.49 19.51
C LYS A 409 -12.74 11.81 20.80
N LEU A 410 -12.50 10.50 20.75
CA LEU A 410 -12.07 9.71 21.94
C LEU A 410 -10.65 10.10 22.34
N LEU A 411 -9.77 10.26 21.35
CA LEU A 411 -8.36 10.66 21.61
C LEU A 411 -8.30 11.98 22.38
N LEU A 412 -9.14 12.96 22.00
CA LEU A 412 -9.24 14.28 22.69
C LEU A 412 -9.66 14.07 24.16
N ILE A 413 -10.55 13.13 24.44
CA ILE A 413 -10.96 12.85 25.85
C ILE A 413 -9.77 12.24 26.60
N VAL A 414 -9.07 11.29 25.99
CA VAL A 414 -7.90 10.61 26.61
C VAL A 414 -6.80 11.65 26.89
N GLN A 415 -6.52 12.56 25.96
CA GLN A 415 -5.50 13.62 26.16
CA GLN A 415 -5.48 13.61 26.17
C GLN A 415 -5.89 14.48 27.38
N ALA A 416 -7.16 14.84 27.49
CA ALA A 416 -7.66 15.73 28.55
C ALA A 416 -7.58 15.01 29.91
N LEU A 417 -7.98 13.73 29.95
CA LEU A 417 -7.80 12.87 31.15
C LEU A 417 -6.32 12.78 31.51
N ARG A 418 -5.44 12.51 30.55
CA ARG A 418 -3.98 12.36 30.84
C ARG A 418 -3.44 13.64 31.50
N ASP A 419 -3.95 14.81 31.11
CA ASP A 419 -3.57 16.15 31.62
C ASP A 419 -4.35 16.54 32.89
N ASN A 420 -5.10 15.59 33.46
CA ASN A 420 -5.82 15.76 34.74
C ASN A 420 -6.89 16.85 34.63
N LEU A 421 -7.58 16.96 33.49
CA LEU A 421 -8.53 18.06 33.16
C LEU A 421 -10.01 17.70 33.44
N GLU A 422 -10.36 16.46 33.73
CA GLU A 422 -11.79 16.09 33.99
C GLU A 422 -12.72 16.45 32.83
N PRO A 423 -12.51 15.92 31.60
CA PRO A 423 -13.50 16.09 30.54
C PRO A 423 -14.83 15.38 30.86
N GLY A 424 -15.93 15.86 30.27
CA GLY A 424 -17.27 15.23 30.36
C GLY A 424 -17.24 13.81 29.79
N THR A 425 -17.61 12.81 30.59
CA THR A 425 -17.64 11.38 30.13
C THR A 425 -19.07 10.82 29.97
N PHE A 426 -20.12 11.62 30.16
CA PHE A 426 -21.50 11.06 30.30
C PHE A 426 -21.93 10.37 28.99
N ASP A 427 -21.42 10.80 27.83
CA ASP A 427 -21.78 10.26 26.49
C ASP A 427 -20.70 9.30 25.95
N LEU A 428 -19.73 8.91 26.77
CA LEU A 428 -18.63 8.01 26.32
C LEU A 428 -19.24 6.73 25.71
N GLY A 429 -20.34 6.22 26.26
CA GLY A 429 -21.02 5.01 25.77
C GLY A 429 -21.41 5.10 24.30
N GLY A 430 -22.03 6.21 23.90
CA GLY A 430 -22.44 6.45 22.50
C GLY A 430 -21.26 6.63 21.58
N LEU A 431 -20.14 7.13 22.08
CA LEU A 431 -18.91 7.33 21.25
C LEU A 431 -18.32 5.95 20.92
N TYR A 432 -18.19 5.09 21.93
CA TYR A 432 -17.66 3.70 21.75
C TYR A 432 -18.50 2.93 20.74
N GLU A 433 -19.85 2.99 20.85
CA GLU A 433 -20.78 2.35 19.87
C GLU A 433 -20.45 2.76 18.44
N ALA A 434 -20.29 4.07 18.19
CA ALA A 434 -20.00 4.67 16.87
C ALA A 434 -18.63 4.23 16.34
N ILE A 435 -17.64 4.05 17.22
CA ILE A 435 -16.28 3.58 16.83
C ILE A 435 -16.36 2.07 16.53
N GLU A 436 -16.91 1.29 17.46
CA GLU A 436 -16.92 -0.21 17.39
C GLU A 436 -17.81 -0.69 16.23
N GLU A 437 -18.79 0.12 15.80
CA GLU A 437 -19.59 -0.09 14.56
C GLU A 437 -18.66 -0.23 13.34
N CYS A 438 -17.48 0.40 13.37
CA CYS A 438 -16.56 0.42 12.20
C CYS A 438 -15.65 -0.80 12.19
N LEU A 439 -15.62 -1.57 13.28
CA LEU A 439 -14.67 -2.70 13.46
C LEU A 439 -15.39 -4.02 13.10
N ILE A 440 -15.24 -4.44 11.84
CA ILE A 440 -15.87 -5.67 11.25
C ILE A 440 -14.77 -6.59 10.71
N ASN A 441 -14.10 -6.21 9.62
CA ASN A 441 -13.18 -7.15 8.92
C ASN A 441 -12.09 -6.43 8.10
N ASP A 442 -12.05 -5.09 8.07
CA ASP A 442 -11.03 -4.37 7.28
C ASP A 442 -9.69 -4.46 7.99
N PRO A 443 -8.65 -5.02 7.32
CA PRO A 443 -7.35 -5.23 7.93
C PRO A 443 -6.72 -3.92 8.46
N TRP A 444 -6.83 -2.84 7.69
CA TRP A 444 -6.24 -1.52 8.03
C TRP A 444 -7.00 -0.88 9.21
N VAL A 445 -8.33 -0.87 9.15
CA VAL A 445 -9.13 -0.28 10.26
C VAL A 445 -8.88 -1.08 11.54
N LEU A 446 -8.84 -2.41 11.44
CA LEU A 446 -8.60 -3.28 12.63
C LEU A 446 -7.21 -2.97 13.21
N LEU A 447 -6.17 -2.79 12.37
CA LEU A 447 -4.83 -2.41 12.88
C LEU A 447 -4.89 -1.05 13.59
N ASN A 448 -5.59 -0.07 13.01
CA ASN A 448 -5.69 1.29 13.60
C ASN A 448 -6.36 1.20 14.98
N ALA A 449 -7.41 0.38 15.11
CA ALA A 449 -8.11 0.15 16.40
C ALA A 449 -7.15 -0.47 17.42
N SER A 450 -6.40 -1.50 17.00
CA SER A 450 -5.37 -2.14 17.86
C SER A 450 -4.32 -1.10 18.32
N TRP A 451 -3.88 -0.24 17.40
CA TRP A 451 -2.92 0.85 17.69
C TRP A 451 -3.50 1.78 18.76
N PHE A 452 -4.79 2.14 18.62
CA PHE A 452 -5.47 3.04 19.59
C PHE A 452 -5.41 2.40 20.96
N ASN A 453 -5.75 1.11 21.05
CA ASN A 453 -5.73 0.34 22.32
C ASN A 453 -4.35 0.43 22.97
N SER A 454 -3.28 0.25 22.19
CA SER A 454 -1.89 0.29 22.71
C SER A 454 -1.56 1.67 23.27
N PHE A 455 -1.90 2.71 22.52
CA PHE A 455 -1.75 4.12 22.96
C PHE A 455 -2.51 4.31 24.28
N LEU A 456 -3.73 3.77 24.36
CA LEU A 456 -4.61 3.99 25.53
C LEU A 456 -3.95 3.40 26.78
N THR A 457 -3.46 2.16 26.70
CA THR A 457 -2.75 1.48 27.83
C THR A 457 -1.56 2.34 28.30
N HIS A 458 -0.81 2.97 27.38
CA HIS A 458 0.35 3.84 27.73
C HIS A 458 -0.11 5.20 28.24
N ALA A 459 -1.22 5.73 27.73
CA ALA A 459 -1.71 7.10 27.99
C ALA A 459 -2.18 7.24 29.44
N LEU A 460 -2.99 6.30 29.92
CA LEU A 460 -3.61 6.35 31.27
C LEU A 460 -3.00 5.26 32.15
N LYS A 461 -1.67 5.09 32.08
CA LYS A 461 -0.89 4.13 32.92
C LYS A 461 -1.19 4.42 34.40
N ASP B 1 7.61 -2.64 16.32
CA ASP B 1 6.41 -2.33 15.51
C ASP B 1 6.18 -0.81 15.50
N TYR B 2 6.06 -0.21 14.32
CA TYR B 2 5.73 1.22 14.17
C TYR B 2 4.24 1.42 14.48
N ASN B 3 3.94 2.48 15.23
CA ASN B 3 2.55 2.80 15.66
C ASN B 3 2.45 4.31 15.78
N PRO B 4 1.86 4.98 14.77
CA PRO B 4 1.81 6.45 14.73
C PRO B 4 0.95 7.09 15.84
N TYR B 5 0.04 6.35 16.47
CA TYR B 5 -0.83 6.91 17.55
C TYR B 5 0.01 7.19 18.80
N LEU B 6 1.20 6.58 18.90
CA LEU B 6 2.10 6.75 20.08
C LEU B 6 2.66 8.18 20.09
N LEU B 7 2.65 8.89 18.96
CA LEU B 7 3.13 10.31 18.90
C LEU B 7 2.32 11.19 19.86
N TYR B 8 1.08 10.80 20.13
CA TYR B 8 0.12 11.56 20.97
C TYR B 8 0.54 11.52 22.44
N LEU B 9 1.53 10.68 22.80
CA LEU B 9 2.02 10.53 24.19
C LEU B 9 2.98 11.66 24.52
N LYS B 10 3.55 12.32 23.50
CA LYS B 10 4.54 13.41 23.67
C LYS B 10 3.88 14.76 23.35
O2' MOE C . -0.15 -17.61 -30.17
CA' MOE C . -1.18 -18.06 -29.31
CB' MOE C . -1.21 -19.52 -29.18
OC' MOE C . -0.71 -19.95 -27.93
CD' MOE C . 0.62 -20.45 -27.90
#